data_8GVN
#
_entry.id   8GVN
#
_entity_poly.entity_id   1
_entity_poly.type   'polypeptide(L)'
_entity_poly.pdbx_seq_one_letter_code
;WLRRIKAWLRRIKA
;
_entity_poly.pdbx_strand_id   A
#
# COMPACT_ATOMS: atom_id res chain seq x y z
N TRP A 1 2.84 0.64 9.04
CA TRP A 1 3.04 -0.20 7.82
C TRP A 1 1.83 -1.13 7.59
N LEU A 2 0.79 -1.00 8.42
CA LEU A 2 -0.42 -1.83 8.27
C LEU A 2 -1.58 -0.99 7.71
N ARG A 3 -1.31 0.30 7.44
CA ARG A 3 -2.32 1.21 6.92
C ARG A 3 -1.81 2.05 5.77
N ARG A 4 -0.47 2.20 5.67
CA ARG A 4 0.10 3.02 4.63
C ARG A 4 0.50 2.21 3.43
N ILE A 5 1.08 1.04 3.66
CA ILE A 5 1.53 0.22 2.57
C ILE A 5 0.48 -0.75 2.09
N LYS A 6 -0.54 -0.91 2.89
CA LYS A 6 -1.67 -1.72 2.45
C LYS A 6 -2.40 -0.90 1.39
N ALA A 7 -2.28 0.43 1.52
CA ALA A 7 -2.83 1.35 0.57
C ALA A 7 -1.76 1.69 -0.43
N TRP A 8 -0.48 1.60 -0.01
CA TRP A 8 0.55 1.84 -0.98
C TRP A 8 0.46 0.72 -1.97
N LEU A 9 -0.14 -0.42 -1.53
CA LEU A 9 -0.37 -1.54 -2.43
C LEU A 9 -1.13 -0.99 -3.65
N ARG A 10 -1.94 0.02 -3.36
CA ARG A 10 -2.74 0.69 -4.37
C ARG A 10 -1.87 1.59 -5.24
N ARG A 11 -0.78 2.09 -4.64
CA ARG A 11 0.14 3.00 -5.34
C ARG A 11 1.23 2.21 -6.11
N ILE A 12 1.67 1.10 -5.51
CA ILE A 12 2.71 0.26 -6.08
C ILE A 12 2.11 -0.71 -7.09
N LYS A 13 0.82 -1.00 -6.94
CA LYS A 13 0.12 -1.92 -7.82
C LYS A 13 0.87 -3.25 -7.84
N ALA A 14 1.52 -3.54 -6.71
CA ALA A 14 2.32 -4.74 -6.52
C ALA A 14 1.69 -5.97 -7.17
N TRP A 1 2.81 1.29 8.96
CA TRP A 1 3.06 0.51 7.72
C TRP A 1 1.80 -0.27 7.36
N LEU A 2 1.30 -1.06 8.31
CA LEU A 2 0.08 -1.84 8.09
C LEU A 2 -1.14 -0.92 8.14
N ARG A 3 -1.15 0.03 7.21
CA ARG A 3 -2.20 1.02 7.09
C ARG A 3 -1.90 1.95 5.90
N ARG A 4 -0.60 2.23 5.71
CA ARG A 4 -0.16 3.09 4.63
C ARG A 4 0.26 2.30 3.42
N ILE A 5 0.90 1.16 3.65
CA ILE A 5 1.37 0.35 2.55
C ILE A 5 0.34 -0.64 2.07
N LYS A 6 -0.68 -0.83 2.87
CA LYS A 6 -1.80 -1.65 2.44
C LYS A 6 -2.55 -0.84 1.39
N ALA A 7 -2.45 0.49 1.51
CA ALA A 7 -3.03 1.40 0.54
C ALA A 7 -1.97 1.73 -0.47
N TRP A 8 -0.68 1.69 -0.05
CA TRP A 8 0.35 1.90 -1.02
C TRP A 8 0.29 0.72 -1.94
N LEU A 9 -0.37 -0.38 -1.52
CA LEU A 9 -0.55 -1.52 -2.39
C LEU A 9 -1.16 -0.98 -3.69
N ARG A 10 -1.97 0.06 -3.52
CA ARG A 10 -2.59 0.74 -4.62
C ARG A 10 -1.51 1.52 -5.39
N ARG A 11 -0.62 2.12 -4.61
CA ARG A 11 0.50 2.92 -5.14
C ARG A 11 1.52 2.08 -5.91
N ILE A 12 1.83 0.91 -5.35
CA ILE A 12 2.80 0.01 -5.92
C ILE A 12 2.18 -0.90 -6.98
N LYS A 13 0.85 -0.96 -6.99
CA LYS A 13 0.13 -1.81 -7.95
C LYS A 13 0.73 -3.22 -7.92
N ALA A 14 1.22 -3.58 -6.74
CA ALA A 14 1.87 -4.86 -6.48
C ALA A 14 1.20 -6.01 -7.25
N TRP A 1 3.27 -0.66 9.93
CA TRP A 1 3.14 -0.21 8.51
C TRP A 1 2.11 -1.08 7.80
N LEU A 2 0.96 -1.25 8.45
CA LEU A 2 -0.14 -2.04 7.88
C LEU A 2 -1.34 -1.14 7.54
N ARG A 3 -1.08 0.17 7.39
CA ARG A 3 -2.15 1.13 7.08
C ARG A 3 -1.81 2.01 5.88
N ARG A 4 -0.53 2.31 5.70
CA ARG A 4 -0.11 3.17 4.62
C ARG A 4 0.30 2.38 3.40
N ILE A 5 0.98 1.26 3.63
CA ILE A 5 1.44 0.46 2.53
C ILE A 5 0.42 -0.57 2.09
N LYS A 6 -0.57 -0.79 2.92
CA LYS A 6 -1.67 -1.64 2.51
C LYS A 6 -2.46 -0.87 1.45
N ALA A 7 -2.39 0.48 1.55
CA ALA A 7 -2.99 1.35 0.60
C ALA A 7 -1.97 1.71 -0.44
N TRP A 8 -0.66 1.70 -0.03
CA TRP A 8 0.34 1.92 -1.03
C TRP A 8 0.29 0.74 -1.95
N LEU A 9 -0.33 -0.37 -1.50
CA LEU A 9 -0.50 -1.52 -2.36
C LEU A 9 -1.14 -1.02 -3.65
N ARG A 10 -1.98 0.01 -3.48
CA ARG A 10 -2.62 0.66 -4.58
C ARG A 10 -1.58 1.46 -5.37
N ARG A 11 -0.69 2.09 -4.61
CA ARG A 11 0.41 2.92 -5.16
C ARG A 11 1.43 2.09 -5.94
N ILE A 12 1.79 0.94 -5.37
CA ILE A 12 2.77 0.05 -5.94
C ILE A 12 2.17 -0.87 -6.99
N LYS A 13 0.83 -0.98 -6.98
CA LYS A 13 0.12 -1.85 -7.90
C LYS A 13 0.76 -3.24 -7.87
N ALA A 14 1.27 -3.58 -6.69
CA ALA A 14 1.96 -4.83 -6.43
C ALA A 14 1.30 -6.02 -7.16
N TRP A 1 2.98 1.44 8.90
CA TRP A 1 2.80 0.27 8.00
C TRP A 1 1.45 -0.38 8.31
N LEU A 2 1.09 -1.40 7.52
CA LEU A 2 -0.20 -2.08 7.69
C LEU A 2 -1.38 -1.09 7.68
N ARG A 3 -1.11 0.12 7.16
CA ARG A 3 -2.12 1.17 7.07
C ARG A 3 -1.83 2.05 5.87
N ARG A 4 -0.54 2.36 5.71
CA ARG A 4 -0.09 3.19 4.62
C ARG A 4 0.32 2.36 3.43
N ILE A 5 0.90 1.20 3.71
CA ILE A 5 1.38 0.34 2.66
C ILE A 5 0.33 -0.63 2.18
N LYS A 6 -0.70 -0.78 2.97
CA LYS A 6 -1.83 -1.59 2.53
C LYS A 6 -2.53 -0.79 1.43
N ALA A 7 -2.41 0.56 1.53
CA ALA A 7 -2.92 1.46 0.55
C ALA A 7 -1.82 1.77 -0.43
N TRP A 8 -0.54 1.68 0.01
CA TRP A 8 0.51 1.89 -0.94
C TRP A 8 0.43 0.73 -1.90
N LEU A 9 -0.19 -0.38 -1.45
CA LEU A 9 -0.40 -1.52 -2.34
C LEU A 9 -1.13 -0.99 -3.58
N ARG A 10 -1.95 0.04 -3.33
CA ARG A 10 -2.71 0.67 -4.38
C ARG A 10 -1.81 1.54 -5.25
N ARG A 11 -0.74 2.06 -4.65
CA ARG A 11 0.20 2.94 -5.35
C ARG A 11 1.31 2.12 -6.06
N ILE A 12 1.73 1.05 -5.42
CA ILE A 12 2.78 0.18 -5.94
C ILE A 12 2.21 -0.81 -6.95
N LYS A 13 0.90 -1.08 -6.82
CA LYS A 13 0.23 -2.03 -7.71
C LYS A 13 0.98 -3.37 -7.68
N ALA A 14 1.60 -3.63 -6.52
CA ALA A 14 2.39 -4.83 -6.29
C ALA A 14 1.76 -6.08 -6.93
N TRP A 1 3.02 1.65 8.64
CA TRP A 1 2.81 0.39 7.88
C TRP A 1 1.46 -0.21 8.29
N LEU A 2 1.11 -1.34 7.69
CA LEU A 2 -0.17 -2.01 7.98
C LEU A 2 -1.34 -1.02 7.92
N ARG A 3 -1.15 0.07 7.19
CA ARG A 3 -2.16 1.11 7.03
C ARG A 3 -1.84 1.99 5.84
N ARG A 4 -0.55 2.30 5.70
CA ARG A 4 -0.08 3.15 4.62
C ARG A 4 0.33 2.34 3.43
N ILE A 5 0.91 1.17 3.70
CA ILE A 5 1.39 0.32 2.64
C ILE A 5 0.35 -0.65 2.14
N LYS A 6 -0.70 -0.80 2.92
CA LYS A 6 -1.82 -1.60 2.47
C LYS A 6 -2.52 -0.78 1.38
N ALA A 7 -2.40 0.56 1.51
CA ALA A 7 -2.91 1.47 0.53
C ALA A 7 -1.82 1.79 -0.45
N TRP A 8 -0.54 1.69 -0.01
CA TRP A 8 0.51 1.89 -0.96
C TRP A 8 0.41 0.74 -1.92
N LEU A 9 -0.20 -0.37 -1.48
CA LEU A 9 -0.42 -1.50 -2.36
C LEU A 9 -1.15 -0.98 -3.59
N ARG A 10 -1.96 0.06 -3.35
CA ARG A 10 -2.72 0.70 -4.40
C ARG A 10 -1.82 1.56 -5.28
N ARG A 11 -0.73 2.07 -4.67
CA ARG A 11 0.21 2.94 -5.38
C ARG A 11 1.31 2.12 -6.09
N ILE A 12 1.73 1.04 -5.43
CA ILE A 12 2.77 0.17 -5.95
C ILE A 12 2.20 -0.81 -6.97
N LYS A 13 0.91 -1.10 -6.82
CA LYS A 13 0.21 -2.04 -7.70
C LYS A 13 0.98 -3.36 -7.73
N ALA A 14 1.63 -3.64 -6.60
CA ALA A 14 2.45 -4.83 -6.42
C ALA A 14 1.84 -6.07 -7.09
N TRP A 1 2.98 1.42 8.90
CA TRP A 1 2.80 0.25 7.99
C TRP A 1 1.44 -0.39 8.30
N LEU A 2 1.09 -1.41 7.50
CA LEU A 2 -0.20 -2.09 7.67
C LEU A 2 -1.37 -1.10 7.66
N ARG A 3 -1.11 0.11 7.16
CA ARG A 3 -2.11 1.17 7.07
C ARG A 3 -1.82 2.05 5.88
N ARG A 4 -0.54 2.36 5.71
CA ARG A 4 -0.09 3.19 4.62
C ARG A 4 0.32 2.37 3.44
N ILE A 5 0.90 1.20 3.71
CA ILE A 5 1.38 0.34 2.65
C ILE A 5 0.33 -0.63 2.17
N LYS A 6 -0.71 -0.78 2.96
CA LYS A 6 -1.84 -1.58 2.52
C LYS A 6 -2.54 -0.77 1.43
N ALA A 7 -2.41 0.57 1.54
CA ALA A 7 -2.92 1.47 0.55
C ALA A 7 -1.83 1.78 -0.43
N TRP A 8 -0.55 1.69 0.01
CA TRP A 8 0.50 1.89 -0.95
C TRP A 8 0.42 0.74 -1.89
N LEU A 9 -0.19 -0.38 -1.45
CA LEU A 9 -0.41 -1.51 -2.32
C LEU A 9 -1.14 -1.00 -3.57
N ARG A 10 -1.95 0.03 -3.33
CA ARG A 10 -2.72 0.68 -4.37
C ARG A 10 -1.82 1.53 -5.25
N ARG A 11 -0.75 2.05 -4.65
CA ARG A 11 0.19 2.93 -5.35
C ARG A 11 1.30 2.12 -6.06
N ILE A 12 1.73 1.04 -5.41
CA ILE A 12 2.78 0.17 -5.93
C ILE A 12 2.21 -0.81 -6.94
N LYS A 13 0.92 -1.11 -6.79
CA LYS A 13 0.24 -2.05 -7.67
C LYS A 13 1.01 -3.37 -7.70
N ALA A 14 1.67 -3.65 -6.57
CA ALA A 14 2.49 -4.83 -6.39
C ALA A 14 1.89 -6.07 -7.06
N TRP A 1 3.04 1.62 8.65
CA TRP A 1 2.81 0.37 7.87
C TRP A 1 1.46 -0.22 8.29
N LEU A 2 1.10 -1.35 7.69
CA LEU A 2 -0.18 -2.02 7.98
C LEU A 2 -1.35 -1.01 7.94
N ARG A 3 -1.16 0.07 7.20
CA ARG A 3 -2.16 1.12 7.07
C ARG A 3 -1.83 2.01 5.87
N ARG A 4 -0.54 2.30 5.70
CA ARG A 4 -0.08 3.14 4.62
C ARG A 4 0.33 2.33 3.43
N ILE A 5 0.92 1.16 3.69
CA ILE A 5 1.39 0.32 2.63
C ILE A 5 0.34 -0.65 2.13
N LYS A 6 -0.69 -0.80 2.91
CA LYS A 6 -1.82 -1.60 2.47
C LYS A 6 -2.53 -0.78 1.39
N ALA A 7 -2.40 0.56 1.51
CA ALA A 7 -2.91 1.47 0.53
C ALA A 7 -1.82 1.79 -0.45
N TRP A 8 -0.55 1.69 -0.02
CA TRP A 8 0.51 1.90 -0.97
C TRP A 8 0.41 0.75 -1.92
N LEU A 9 -0.20 -0.37 -1.48
CA LEU A 9 -0.42 -1.50 -2.36
C LEU A 9 -1.15 -0.98 -3.59
N ARG A 10 -1.96 0.05 -3.35
CA ARG A 10 -2.72 0.70 -4.40
C ARG A 10 -1.82 1.56 -5.28
N ARG A 11 -0.73 2.07 -4.67
CA ARG A 11 0.20 2.94 -5.38
C ARG A 11 1.31 2.12 -6.09
N ILE A 12 1.73 1.04 -5.43
CA ILE A 12 2.78 0.17 -5.96
C ILE A 12 2.21 -0.80 -6.97
N LYS A 13 0.91 -1.10 -6.82
CA LYS A 13 0.22 -2.03 -7.70
C LYS A 13 0.98 -3.36 -7.73
N ALA A 14 1.63 -3.64 -6.60
CA ALA A 14 2.45 -4.83 -6.42
C ALA A 14 1.83 -6.07 -7.09
N TRP A 1 4.11 0.11 9.06
CA TRP A 1 3.16 -0.60 8.16
C TRP A 1 1.73 -0.45 8.73
N LEU A 2 1.44 0.74 9.25
CA LEU A 2 0.12 1.02 9.81
C LEU A 2 -0.90 1.16 8.69
N ARG A 3 -1.23 0.02 8.07
CA ARG A 3 -2.17 -0.01 6.95
C ARG A 3 -1.80 0.99 5.87
N ARG A 4 -0.51 1.22 5.73
CA ARG A 4 -0.01 2.14 4.74
C ARG A 4 0.35 1.43 3.45
N ILE A 5 0.79 0.18 3.59
CA ILE A 5 1.19 -0.58 2.44
C ILE A 5 0.04 -1.34 1.83
N LYS A 6 -1.04 -1.44 2.57
CA LYS A 6 -2.25 -2.02 2.02
C LYS A 6 -2.79 -1.01 1.01
N ALA A 7 -2.50 0.28 1.29
CA ALA A 7 -2.86 1.36 0.42
C ALA A 7 -1.71 1.63 -0.50
N TRP A 8 -0.48 1.32 -0.05
CA TRP A 8 0.63 1.50 -0.96
C TRP A 8 0.42 0.51 -2.05
N LEU A 9 -0.34 -0.58 -1.76
CA LEU A 9 -0.68 -1.55 -2.79
C LEU A 9 -1.29 -0.78 -3.96
N ARG A 10 -1.98 0.31 -3.60
CA ARG A 10 -2.62 1.17 -4.55
C ARG A 10 -1.59 2.02 -5.30
N ARG A 11 -0.48 2.31 -4.62
CA ARG A 11 0.59 3.14 -5.19
C ARG A 11 1.61 2.29 -5.99
N ILE A 12 1.88 1.08 -5.47
CA ILE A 12 2.82 0.16 -6.09
C ILE A 12 2.16 -0.60 -7.23
N LYS A 13 0.83 -0.75 -7.14
CA LYS A 13 0.06 -1.46 -8.14
C LYS A 13 0.65 -2.86 -8.33
N ALA A 14 1.22 -3.36 -7.24
CA ALA A 14 1.89 -4.66 -7.20
C ALA A 14 1.13 -5.72 -8.02
N TRP A 1 3.06 1.65 8.63
CA TRP A 1 2.82 0.38 7.86
C TRP A 1 1.48 -0.20 8.28
N LEU A 2 1.12 -1.34 7.68
CA LEU A 2 -0.16 -2.00 7.98
C LEU A 2 -1.33 -1.01 7.94
N ARG A 3 -1.13 0.08 7.19
CA ARG A 3 -2.15 1.12 7.05
C ARG A 3 -1.83 2.01 5.86
N ARG A 4 -0.54 2.31 5.70
CA ARG A 4 -0.08 3.16 4.62
C ARG A 4 0.33 2.34 3.42
N ILE A 5 0.91 1.17 3.69
CA ILE A 5 1.38 0.33 2.63
C ILE A 5 0.33 -0.64 2.15
N LYS A 6 -0.71 -0.79 2.93
CA LYS A 6 -1.84 -1.60 2.49
C LYS A 6 -2.54 -0.79 1.41
N ALA A 7 -2.41 0.55 1.52
CA ALA A 7 -2.94 1.46 0.54
C ALA A 7 -1.86 1.77 -0.45
N TRP A 8 -0.57 1.69 -0.01
CA TRP A 8 0.47 1.90 -0.96
C TRP A 8 0.39 0.74 -1.91
N LEU A 9 -0.22 -0.38 -1.47
CA LEU A 9 -0.44 -1.51 -2.34
C LEU A 9 -1.15 -1.00 -3.59
N ARG A 10 -1.96 0.03 -3.37
CA ARG A 10 -2.70 0.67 -4.43
C ARG A 10 -1.77 1.50 -5.30
N ARG A 11 -0.73 2.06 -4.67
CA ARG A 11 0.24 2.90 -5.38
C ARG A 11 1.32 2.05 -6.08
N ILE A 12 1.78 1.01 -5.38
CA ILE A 12 2.81 0.13 -5.91
C ILE A 12 2.23 -0.80 -6.94
N LYS A 13 0.91 -1.02 -6.87
CA LYS A 13 0.22 -1.91 -7.80
C LYS A 13 0.91 -3.27 -7.79
N ALA A 14 1.53 -3.59 -6.65
CA ALA A 14 2.27 -4.82 -6.45
C ALA A 14 1.63 -6.03 -7.14
N TRP A 1 2.97 1.45 8.87
CA TRP A 1 2.79 0.26 7.99
C TRP A 1 1.44 -0.37 8.31
N LEU A 2 1.07 -1.40 7.53
CA LEU A 2 -0.21 -2.09 7.70
C LEU A 2 -1.38 -1.09 7.68
N ARG A 3 -1.12 0.11 7.16
CA ARG A 3 -2.12 1.17 7.07
C ARG A 3 -1.83 2.05 5.87
N ARG A 4 -0.54 2.36 5.71
CA ARG A 4 -0.09 3.19 4.62
C ARG A 4 0.33 2.36 3.43
N ILE A 5 0.90 1.20 3.71
CA ILE A 5 1.38 0.34 2.66
C ILE A 5 0.34 -0.63 2.18
N LYS A 6 -0.70 -0.78 2.97
CA LYS A 6 -1.83 -1.59 2.52
C LYS A 6 -2.53 -0.79 1.43
N ALA A 7 -2.40 0.56 1.53
CA ALA A 7 -2.91 1.46 0.54
C ALA A 7 -1.82 1.77 -0.43
N TRP A 8 -0.54 1.68 0.01
CA TRP A 8 0.51 1.89 -0.94
C TRP A 8 0.43 0.73 -1.90
N LEU A 9 -0.18 -0.38 -1.46
CA LEU A 9 -0.39 -1.51 -2.33
C LEU A 9 -1.13 -0.99 -3.58
N ARG A 10 -1.95 0.04 -3.33
CA ARG A 10 -2.72 0.67 -4.38
C ARG A 10 -1.82 1.54 -5.25
N ARG A 11 -0.74 2.06 -4.64
CA ARG A 11 0.19 2.94 -5.34
C ARG A 11 1.30 2.12 -6.06
N ILE A 12 1.73 1.05 -5.42
CA ILE A 12 2.78 0.18 -5.94
C ILE A 12 2.21 -0.81 -6.95
N LYS A 13 0.90 -1.08 -6.82
CA LYS A 13 0.23 -2.03 -7.71
C LYS A 13 0.98 -3.37 -7.68
N ALA A 14 1.60 -3.63 -6.52
CA ALA A 14 2.39 -4.83 -6.29
C ALA A 14 1.76 -6.08 -6.93
N TRP A 1 3.17 0.75 10.17
CA TRP A 1 2.76 0.49 8.76
C TRP A 1 1.54 -0.45 8.75
N LEU A 2 1.29 -1.15 7.64
CA LEU A 2 0.11 -2.04 7.52
C LEU A 2 -1.17 -1.19 7.37
N ARG A 3 -1.01 0.15 7.30
CA ARG A 3 -2.12 1.07 7.15
C ARG A 3 -1.89 1.97 5.94
N ARG A 4 -0.62 2.34 5.74
CA ARG A 4 -0.24 3.21 4.63
C ARG A 4 0.19 2.41 3.44
N ILE A 5 0.84 1.27 3.70
CA ILE A 5 1.33 0.45 2.61
C ILE A 5 0.31 -0.57 2.16
N LYS A 6 -0.71 -0.76 2.97
CA LYS A 6 -1.82 -1.60 2.54
C LYS A 6 -2.56 -0.82 1.46
N ALA A 7 -2.47 0.53 1.56
CA ALA A 7 -3.04 1.41 0.58
C ALA A 7 -1.98 1.74 -0.43
N TRP A 8 -0.69 1.70 0.01
CA TRP A 8 0.34 1.90 -0.97
C TRP A 8 0.28 0.72 -1.89
N LEU A 9 -0.37 -0.38 -1.46
CA LEU A 9 -0.56 -1.53 -2.32
C LEU A 9 -1.15 -1.01 -3.63
N ARG A 10 -1.97 0.04 -3.47
CA ARG A 10 -2.58 0.71 -4.58
C ARG A 10 -1.50 1.48 -5.35
N ARG A 11 -0.61 2.09 -4.57
CA ARG A 11 0.51 2.90 -5.10
C ARG A 11 1.53 2.04 -5.86
N ILE A 12 1.84 0.89 -5.29
CA ILE A 12 2.82 -0.04 -5.83
C ILE A 12 2.20 -0.93 -6.89
N LYS A 13 0.86 -1.01 -6.91
CA LYS A 13 0.16 -1.86 -7.85
C LYS A 13 0.75 -3.26 -7.81
N ALA A 14 1.23 -3.62 -6.62
CA ALA A 14 1.88 -4.90 -6.35
C ALA A 14 1.19 -6.05 -7.09
N TRP A 1 3.05 1.64 8.62
CA TRP A 1 2.82 0.38 7.86
C TRP A 1 1.48 -0.20 8.28
N LEU A 2 1.11 -1.34 7.67
CA LEU A 2 -0.17 -2.00 7.99
C LEU A 2 -1.33 -1.00 7.96
N ARG A 3 -1.14 0.09 7.21
CA ARG A 3 -2.16 1.13 7.08
C ARG A 3 -1.83 2.03 5.89
N ARG A 4 -0.54 2.32 5.71
CA ARG A 4 -0.08 3.16 4.62
C ARG A 4 0.32 2.34 3.43
N ILE A 5 0.92 1.17 3.69
CA ILE A 5 1.38 0.33 2.63
C ILE A 5 0.34 -0.64 2.13
N LYS A 6 -0.70 -0.80 2.92
CA LYS A 6 -1.82 -1.61 2.49
C LYS A 6 -2.53 -0.80 1.40
N ALA A 7 -2.41 0.54 1.52
CA ALA A 7 -2.94 1.44 0.53
C ALA A 7 -1.86 1.76 -0.44
N TRP A 8 -0.57 1.69 -0.01
CA TRP A 8 0.47 1.90 -0.96
C TRP A 8 0.39 0.75 -1.92
N LEU A 9 -0.22 -0.38 -1.47
CA LEU A 9 -0.43 -1.51 -2.35
C LEU A 9 -1.14 -1.00 -3.60
N ARG A 10 -1.96 0.04 -3.37
CA ARG A 10 -2.70 0.68 -4.43
C ARG A 10 -1.76 1.50 -5.31
N ARG A 11 -0.73 2.06 -4.68
CA ARG A 11 0.24 2.91 -5.38
C ARG A 11 1.32 2.06 -6.08
N ILE A 12 1.78 1.02 -5.39
CA ILE A 12 2.81 0.13 -5.91
C ILE A 12 2.22 -0.81 -6.96
N LYS A 13 0.91 -1.03 -6.87
CA LYS A 13 0.21 -1.91 -7.79
C LYS A 13 0.92 -3.28 -7.79
N ALA A 14 1.53 -3.59 -6.64
CA ALA A 14 2.28 -4.82 -6.44
C ALA A 14 1.63 -6.03 -7.13
N TRP A 1 3.03 1.64 8.63
CA TRP A 1 2.79 0.38 7.87
C TRP A 1 1.45 -0.21 8.29
N LEU A 2 1.09 -1.34 7.69
CA LEU A 2 -0.19 -2.02 8.00
C LEU A 2 -1.35 -1.00 7.96
N ARG A 3 -1.16 0.08 7.20
CA ARG A 3 -2.17 1.13 7.06
C ARG A 3 -1.83 2.01 5.87
N ARG A 4 -0.55 2.31 5.70
CA ARG A 4 -0.08 3.15 4.62
C ARG A 4 0.33 2.33 3.43
N ILE A 5 0.92 1.16 3.69
CA ILE A 5 1.39 0.32 2.63
C ILE A 5 0.35 -0.66 2.14
N LYS A 6 -0.69 -0.81 2.92
CA LYS A 6 -1.82 -1.60 2.48
C LYS A 6 -2.53 -0.79 1.39
N ALA A 7 -2.39 0.54 1.51
CA ALA A 7 -2.91 1.46 0.53
C ALA A 7 -1.82 1.78 -0.45
N TRP A 8 -0.54 1.69 -0.01
CA TRP A 8 0.51 1.88 -0.96
C TRP A 8 0.42 0.75 -1.93
N LEU A 9 -0.19 -0.38 -1.48
CA LEU A 9 -0.41 -1.51 -2.37
C LEU A 9 -1.13 -0.98 -3.61
N ARG A 10 -1.95 0.05 -3.36
CA ARG A 10 -2.71 0.69 -4.41
C ARG A 10 -1.81 1.56 -5.27
N ARG A 11 -0.73 2.08 -4.67
CA ARG A 11 0.21 2.95 -5.37
C ARG A 11 1.30 2.14 -6.09
N ILE A 12 1.73 1.05 -5.44
CA ILE A 12 2.77 0.18 -5.97
C ILE A 12 2.19 -0.80 -6.97
N LYS A 13 0.89 -1.09 -6.84
CA LYS A 13 0.21 -2.02 -7.73
C LYS A 13 0.96 -3.36 -7.70
N ALA A 14 1.57 -3.63 -6.54
CA ALA A 14 2.35 -4.82 -6.31
C ALA A 14 1.73 -6.07 -6.95
N TRP A 1 4.11 0.14 9.02
CA TRP A 1 3.16 -0.60 8.13
C TRP A 1 1.73 -0.47 8.68
N LEU A 2 1.43 0.70 9.27
CA LEU A 2 0.11 0.95 9.83
C LEU A 2 -0.89 1.13 8.68
N ARG A 3 -1.26 0.01 8.07
CA ARG A 3 -2.21 0.02 6.95
C ARG A 3 -1.81 1.02 5.87
N ARG A 4 -0.51 1.23 5.73
CA ARG A 4 0.01 2.15 4.75
C ARG A 4 0.36 1.45 3.47
N ILE A 5 0.81 0.19 3.60
CA ILE A 5 1.20 -0.57 2.44
C ILE A 5 0.05 -1.33 1.83
N LYS A 6 -1.03 -1.42 2.57
CA LYS A 6 -2.23 -2.01 2.01
C LYS A 6 -2.78 -0.99 1.02
N ALA A 7 -2.48 0.30 1.28
CA ALA A 7 -2.85 1.38 0.41
C ALA A 7 -1.70 1.65 -0.51
N TRP A 8 -0.47 1.34 -0.06
CA TRP A 8 0.63 1.51 -0.97
C TRP A 8 0.43 0.52 -2.05
N LEU A 9 -0.33 -0.57 -1.76
CA LEU A 9 -0.66 -1.54 -2.77
C LEU A 9 -1.30 -0.80 -3.95
N ARG A 10 -1.98 0.30 -3.59
CA ARG A 10 -2.63 1.15 -4.56
C ARG A 10 -1.62 2.00 -5.31
N ARG A 11 -0.50 2.30 -4.63
CA ARG A 11 0.56 3.13 -5.21
C ARG A 11 1.58 2.28 -6.00
N ILE A 12 1.86 1.09 -5.48
CA ILE A 12 2.81 0.17 -6.10
C ILE A 12 2.16 -0.60 -7.23
N LYS A 13 0.83 -0.75 -7.12
CA LYS A 13 0.06 -1.48 -8.14
C LYS A 13 0.67 -2.87 -8.32
N ALA A 14 1.25 -3.37 -7.23
CA ALA A 14 1.92 -4.66 -7.19
C ALA A 14 1.17 -5.73 -8.02
N TRP A 1 3.02 1.63 8.64
CA TRP A 1 2.80 0.37 7.88
C TRP A 1 1.44 -0.22 8.29
N LEU A 2 1.07 -1.35 7.69
CA LEU A 2 -0.20 -2.01 7.99
C LEU A 2 -1.36 -1.01 7.96
N ARG A 3 -1.17 0.08 7.20
CA ARG A 3 -2.17 1.13 7.06
C ARG A 3 -1.83 2.02 5.88
N ARG A 4 -0.54 2.31 5.71
CA ARG A 4 -0.08 3.15 4.62
C ARG A 4 0.33 2.33 3.43
N ILE A 5 0.92 1.16 3.69
CA ILE A 5 1.39 0.32 2.63
C ILE A 5 0.35 -0.66 2.14
N LYS A 6 -0.69 -0.81 2.92
CA LYS A 6 -1.82 -1.60 2.48
C LYS A 6 -2.52 -0.79 1.39
N ALA A 7 -2.38 0.55 1.51
CA ALA A 7 -2.91 1.46 0.53
C ALA A 7 -1.82 1.77 -0.46
N TRP A 8 -0.53 1.69 -0.01
CA TRP A 8 0.52 1.89 -0.97
C TRP A 8 0.42 0.75 -1.93
N LEU A 9 -0.18 -0.38 -1.49
CA LEU A 9 -0.40 -1.51 -2.36
C LEU A 9 -1.13 -0.99 -3.60
N ARG A 10 -1.95 0.05 -3.36
CA ARG A 10 -2.71 0.69 -4.40
C ARG A 10 -1.81 1.55 -5.28
N ARG A 11 -0.74 2.07 -4.67
CA ARG A 11 0.20 2.95 -5.37
C ARG A 11 1.30 2.14 -6.09
N ILE A 12 1.73 1.05 -5.45
CA ILE A 12 2.77 0.18 -5.97
C ILE A 12 2.19 -0.80 -6.97
N LYS A 13 0.89 -1.07 -6.85
CA LYS A 13 0.21 -2.01 -7.73
C LYS A 13 0.95 -3.36 -7.71
N ALA A 14 1.56 -3.62 -6.55
CA ALA A 14 2.35 -4.82 -6.31
C ALA A 14 1.72 -6.07 -6.94
N TRP A 1 3.04 1.63 8.63
CA TRP A 1 2.81 0.37 7.87
C TRP A 1 1.46 -0.22 8.29
N LEU A 2 1.10 -1.36 7.69
CA LEU A 2 -0.18 -2.02 8.00
C LEU A 2 -1.34 -1.01 7.96
N ARG A 3 -1.16 0.07 7.20
CA ARG A 3 -2.16 1.12 7.07
C ARG A 3 -1.83 2.01 5.88
N ARG A 4 -0.54 2.30 5.70
CA ARG A 4 -0.08 3.14 4.62
C ARG A 4 0.33 2.33 3.43
N ILE A 5 0.92 1.16 3.69
CA ILE A 5 1.38 0.32 2.63
C ILE A 5 0.34 -0.64 2.13
N LYS A 6 -0.70 -0.79 2.91
CA LYS A 6 -1.82 -1.60 2.47
C LYS A 6 -2.53 -0.78 1.39
N ALA A 7 -2.40 0.56 1.51
CA ALA A 7 -2.91 1.48 0.52
C ALA A 7 -1.83 1.78 -0.46
N TRP A 8 -0.55 1.69 -0.02
CA TRP A 8 0.51 1.90 -0.97
C TRP A 8 0.41 0.74 -1.92
N LEU A 9 -0.20 -0.37 -1.48
CA LEU A 9 -0.42 -1.50 -2.36
C LEU A 9 -1.14 -0.98 -3.60
N ARG A 10 -1.96 0.06 -3.36
CA ARG A 10 -2.72 0.70 -4.40
C ARG A 10 -1.81 1.57 -5.28
N ARG A 11 -0.73 2.07 -4.67
CA ARG A 11 0.21 2.94 -5.38
C ARG A 11 1.31 2.12 -6.09
N ILE A 12 1.74 1.04 -5.44
CA ILE A 12 2.78 0.17 -5.96
C ILE A 12 2.21 -0.80 -6.97
N LYS A 13 0.90 -1.09 -6.82
CA LYS A 13 0.22 -2.03 -7.71
C LYS A 13 0.98 -3.36 -7.73
N ALA A 14 1.63 -3.64 -6.61
CA ALA A 14 2.45 -4.83 -6.43
C ALA A 14 1.83 -6.07 -7.10
N TRP A 1 2.90 0.93 9.29
CA TRP A 1 3.09 0.24 7.98
C TRP A 1 1.76 -0.35 7.53
N LEU A 2 1.19 -1.25 8.36
CA LEU A 2 -0.09 -1.88 8.04
C LEU A 2 -1.23 -0.86 8.13
N ARG A 3 -1.23 0.04 7.15
CA ARG A 3 -2.21 1.11 7.05
C ARG A 3 -1.86 2.00 5.85
N ARG A 4 -0.56 2.25 5.69
CA ARG A 4 -0.07 3.08 4.61
C ARG A 4 0.34 2.26 3.42
N ILE A 5 0.93 1.08 3.68
CA ILE A 5 1.38 0.24 2.59
C ILE A 5 0.31 -0.71 2.10
N LYS A 6 -0.72 -0.84 2.87
CA LYS A 6 -1.87 -1.62 2.44
C LYS A 6 -2.56 -0.79 1.35
N ALA A 7 -2.41 0.55 1.47
CA ALA A 7 -2.92 1.46 0.50
C ALA A 7 -1.83 1.77 -0.48
N TRP A 8 -0.55 1.67 -0.04
CA TRP A 8 0.50 1.86 -0.98
C TRP A 8 0.42 0.72 -1.95
N LEU A 9 -0.21 -0.39 -1.51
CA LEU A 9 -0.44 -1.52 -2.40
C LEU A 9 -1.16 -0.97 -3.64
N ARG A 10 -1.96 0.07 -3.39
CA ARG A 10 -2.72 0.73 -4.43
C ARG A 10 -1.80 1.60 -5.29
N ARG A 11 -0.72 2.09 -4.69
CA ARG A 11 0.24 2.96 -5.37
C ARG A 11 1.33 2.15 -6.09
N ILE A 12 1.75 1.05 -5.45
CA ILE A 12 2.78 0.17 -5.98
C ILE A 12 2.20 -0.79 -7.01
N LYS A 13 0.90 -1.06 -6.87
CA LYS A 13 0.20 -1.97 -7.78
C LYS A 13 0.95 -3.31 -7.81
N ALA A 14 1.58 -3.62 -6.69
CA ALA A 14 2.40 -4.82 -6.51
C ALA A 14 1.79 -6.04 -7.22
N TRP A 1 3.06 -0.83 10.03
CA TRP A 1 2.98 -0.36 8.60
C TRP A 1 1.95 -1.21 7.87
N LEU A 2 0.77 -1.33 8.50
CA LEU A 2 -0.34 -2.09 7.91
C LEU A 2 -1.49 -1.14 7.55
N ARG A 3 -1.19 0.16 7.40
CA ARG A 3 -2.21 1.15 7.08
C ARG A 3 -1.81 2.02 5.88
N ARG A 4 -0.51 2.28 5.72
CA ARG A 4 -0.03 3.13 4.64
C ARG A 4 0.40 2.33 3.44
N ILE A 5 1.03 1.19 3.67
CA ILE A 5 1.50 0.38 2.58
C ILE A 5 0.46 -0.61 2.10
N LYS A 6 -0.55 -0.79 2.90
CA LYS A 6 -1.67 -1.61 2.47
C LYS A 6 -2.41 -0.81 1.40
N ALA A 7 -2.30 0.53 1.52
CA ALA A 7 -2.85 1.43 0.55
C ALA A 7 -1.80 1.77 -0.46
N TRP A 8 -0.50 1.71 -0.03
CA TRP A 8 0.53 1.92 -1.02
C TRP A 8 0.44 0.77 -1.97
N LEU A 9 -0.16 -0.36 -1.51
CA LEU A 9 -0.38 -1.49 -2.39
C LEU A 9 -1.13 -0.99 -3.61
N ARG A 10 -1.96 0.04 -3.36
CA ARG A 10 -2.74 0.66 -4.39
C ARG A 10 -1.87 1.53 -5.29
N ARG A 11 -0.79 2.06 -4.70
CA ARG A 11 0.13 2.94 -5.42
C ARG A 11 1.22 2.13 -6.15
N ILE A 12 1.68 1.06 -5.50
CA ILE A 12 2.73 0.19 -6.04
C ILE A 12 2.14 -0.79 -7.04
N LYS A 13 0.86 -1.09 -6.87
CA LYS A 13 0.17 -2.02 -7.76
C LYS A 13 0.94 -3.35 -7.79
N ALA A 14 1.61 -3.63 -6.67
CA ALA A 14 2.44 -4.80 -6.49
C ALA A 14 1.82 -6.04 -7.16
N TRP A 1 3.08 1.61 8.66
CA TRP A 1 2.84 0.36 7.88
C TRP A 1 1.48 -0.23 8.29
N LEU A 2 1.13 -1.36 7.68
CA LEU A 2 -0.16 -2.02 7.98
C LEU A 2 -1.32 -1.02 7.94
N ARG A 3 -1.13 0.08 7.20
CA ARG A 3 -2.14 1.11 7.07
C ARG A 3 -1.82 2.01 5.88
N ARG A 4 -0.53 2.31 5.71
CA ARG A 4 -0.07 3.15 4.64
C ARG A 4 0.34 2.34 3.44
N ILE A 5 0.92 1.17 3.69
CA ILE A 5 1.38 0.32 2.62
C ILE A 5 0.32 -0.64 2.15
N LYS A 6 -0.70 -0.79 2.94
CA LYS A 6 -1.84 -1.59 2.51
C LYS A 6 -2.55 -0.78 1.44
N ALA A 7 -2.40 0.56 1.55
CA ALA A 7 -2.93 1.48 0.58
C ALA A 7 -1.85 1.78 -0.43
N TRP A 8 -0.57 1.70 0.01
CA TRP A 8 0.46 1.90 -0.96
C TRP A 8 0.38 0.76 -1.93
N LEU A 9 -0.26 -0.36 -1.50
CA LEU A 9 -0.47 -1.48 -2.38
C LEU A 9 -1.15 -0.96 -3.64
N ARG A 10 -2.02 0.04 -3.43
CA ARG A 10 -2.72 0.68 -4.51
C ARG A 10 -1.77 1.52 -5.34
N ARG A 11 -0.74 2.07 -4.67
CA ARG A 11 0.23 2.94 -5.34
C ARG A 11 1.34 2.13 -6.04
N ILE A 12 1.73 1.02 -5.42
CA ILE A 12 2.79 0.16 -5.93
C ILE A 12 2.24 -0.82 -6.96
N LYS A 13 0.93 -1.10 -6.86
CA LYS A 13 0.28 -2.03 -7.77
C LYS A 13 1.03 -3.36 -7.75
N ALA A 14 1.63 -3.64 -6.60
CA ALA A 14 2.43 -4.84 -6.38
C ALA A 14 1.84 -6.07 -7.05
N TRP A 1 3.04 1.63 8.63
CA TRP A 1 2.81 0.36 7.87
C TRP A 1 1.46 -0.22 8.30
N LEU A 2 1.09 -1.35 7.69
CA LEU A 2 -0.18 -2.02 8.00
C LEU A 2 -1.35 -1.00 7.96
N ARG A 3 -1.16 0.08 7.20
CA ARG A 3 -2.16 1.12 7.07
C ARG A 3 -1.83 2.02 5.88
N ARG A 4 -0.54 2.31 5.71
CA ARG A 4 -0.08 3.14 4.62
C ARG A 4 0.33 2.33 3.43
N ILE A 5 0.92 1.16 3.69
CA ILE A 5 1.38 0.31 2.63
C ILE A 5 0.34 -0.64 2.13
N LYS A 6 -0.70 -0.80 2.92
CA LYS A 6 -1.83 -1.60 2.47
C LYS A 6 -2.53 -0.78 1.39
N ALA A 7 -2.40 0.56 1.51
CA ALA A 7 -2.91 1.47 0.52
C ALA A 7 -1.82 1.78 -0.45
N TRP A 8 -0.55 1.69 -0.02
CA TRP A 8 0.51 1.89 -0.97
C TRP A 8 0.41 0.74 -1.92
N LEU A 9 -0.20 -0.37 -1.48
CA LEU A 9 -0.42 -1.51 -2.37
C LEU A 9 -1.14 -0.98 -3.60
N ARG A 10 -1.96 0.06 -3.36
CA ARG A 10 -2.72 0.70 -4.40
C ARG A 10 -1.81 1.57 -5.28
N ARG A 11 -0.73 2.07 -4.67
CA ARG A 11 0.21 2.94 -5.38
C ARG A 11 1.31 2.12 -6.09
N ILE A 12 1.74 1.04 -5.44
CA ILE A 12 2.78 0.18 -5.97
C ILE A 12 2.20 -0.80 -6.98
N LYS A 13 0.91 -1.09 -6.83
CA LYS A 13 0.22 -2.02 -7.71
C LYS A 13 0.99 -3.35 -7.75
N ALA A 14 1.64 -3.64 -6.61
CA ALA A 14 2.45 -4.83 -6.43
C ALA A 14 1.83 -6.06 -7.11
#